data_9UL7
#
_entry.id   9UL7
#
_cell.length_a   112.866
_cell.length_b   104.617
_cell.length_c   69.156
_cell.angle_alpha   90.00
_cell.angle_beta   91.91
_cell.angle_gamma   90.00
#
_symmetry.space_group_name_H-M   'C 1 2 1'
#
loop_
_entity.id
_entity.type
_entity.pdbx_description
1 polymer beta-glucosidase
2 water water
#
_entity_poly.entity_id   1
_entity_poly.type   'polypeptide(L)'
_entity_poly.pdbx_seq_one_letter_code
;MPRSPRTLLTAPDGTRFRDLDGDGVMAPYEDPRLSPEERTADLVGRLSLAEKAGLMFQTVIEVGADGELKEEPGAISKSG
TTEVVVGKAMNHFNVHEIRTARQAARWSNRLQELAESTPHGIPVTVSTDPRHAFVENAGVAFSAGPFSQWPEALGLAALD
DVDAIRAFADAARQEYVAVGIRAALHPQIDLATEPRWGRQAQTLGHDADRVAEFTAAYLQGFQGDELGSASVACTTKHFP
GGGPQKDGEDAHFPYGREQVYPGGMFEYHLRPFREAIERGTAAMMPYYGMPEGLVRDGEAIEPVGFGFNRQVITGLLREE
LGYDGVVVTDWELVNDNHVGDQVLPARAWGVEELTPHERMERIIEAGCDQFGGEECVDVLLDLVASGRVSEARIDESVRR
LLLVKFRLGLFDDPYVDEDAAERIVGRADLRELGFRAQAASVTVLENRERDGRPTLPLPVDGPRLRVHVEGMRPEALDGW
ADPAAGPDDADLAIVRLGAPFEPRSDLFLEAWFHQGSLEFPPGLVHRLRRIADRCPLVVVVNLDRPAIMTPLVPFAAALA
VDYGSSDAAVLAALTGRIAPEGRLPVEIPRSMDAVRASRTDVPSDTEDPVYPLHHGLRIR
;
_entity_poly.pdbx_strand_id   A
#
# COMPACT_ATOMS: atom_id res chain seq x y z
N THR A 7 10.46 8.21 -32.31
CA THR A 7 10.11 9.55 -32.78
C THR A 7 11.13 10.59 -32.35
N LEU A 8 12.31 10.12 -31.93
CA LEU A 8 13.40 11.01 -31.58
C LEU A 8 13.91 11.69 -32.85
N LEU A 9 13.91 13.03 -32.84
CA LEU A 9 14.24 13.81 -34.03
C LEU A 9 15.32 14.84 -33.69
N THR A 10 15.95 15.36 -34.73
CA THR A 10 16.94 16.42 -34.62
C THR A 10 16.34 17.70 -35.19
N ALA A 11 16.23 18.73 -34.34
CA ALA A 11 15.55 19.98 -34.69
C ALA A 11 16.43 20.85 -35.59
N PRO A 12 15.82 21.82 -36.30
CA PRO A 12 16.65 22.72 -37.13
C PRO A 12 17.72 23.47 -36.35
N ASP A 13 17.46 23.84 -35.08
CA ASP A 13 18.45 24.54 -34.27
C ASP A 13 19.47 23.60 -33.64
N GLY A 14 19.35 22.29 -33.85
CA GLY A 14 20.29 21.29 -33.37
C GLY A 14 19.74 20.34 -32.32
N THR A 15 18.59 20.65 -31.72
CA THR A 15 18.10 19.87 -30.58
C THR A 15 17.64 18.48 -31.01
N ARG A 16 17.94 17.50 -30.16
CA ARG A 16 17.33 16.18 -30.23
C ARG A 16 16.15 16.14 -29.27
N PHE A 17 14.99 15.75 -29.79
CA PHE A 17 13.74 15.91 -29.06
C PHE A 17 12.78 14.81 -29.47
N ARG A 18 11.85 14.50 -28.57
CA ARG A 18 10.77 13.57 -28.88
C ARG A 18 9.65 14.32 -29.58
N ASP A 19 9.26 13.85 -30.77
CA ASP A 19 8.17 14.46 -31.52
C ASP A 19 6.88 13.76 -31.15
N LEU A 20 6.04 14.45 -30.36
CA LEU A 20 4.91 13.79 -29.72
C LEU A 20 3.58 14.06 -30.43
N ASP A 21 3.40 15.22 -31.06
CA ASP A 21 2.23 15.46 -31.89
C ASP A 21 2.45 15.12 -33.35
N GLY A 22 3.71 14.88 -33.75
CA GLY A 22 4.02 14.48 -35.11
C GLY A 22 4.20 15.61 -36.10
N ASP A 23 4.37 16.85 -35.63
CA ASP A 23 4.48 17.98 -36.54
C ASP A 23 5.75 17.93 -37.37
N GLY A 24 6.67 17.00 -37.09
CA GLY A 24 8.04 17.13 -37.53
C GLY A 24 8.80 18.27 -36.87
N VAL A 25 8.11 19.14 -36.14
CA VAL A 25 8.73 20.29 -35.49
C VAL A 25 8.76 20.03 -33.99
N MET A 26 9.61 20.78 -33.31
CA MET A 26 9.77 20.65 -31.86
C MET A 26 9.04 21.83 -31.22
N ALA A 27 7.77 21.62 -30.88
CA ALA A 27 7.07 22.52 -29.99
C ALA A 27 7.81 22.62 -28.67
N PRO A 28 7.59 23.69 -27.88
CA PRO A 28 8.34 23.82 -26.62
C PRO A 28 8.14 22.66 -25.65
N TYR A 29 6.91 22.13 -25.52
CA TYR A 29 6.69 21.07 -24.54
C TYR A 29 7.50 19.83 -24.89
N GLU A 30 7.67 19.55 -26.18
CA GLU A 30 8.60 18.55 -26.67
C GLU A 30 10.06 18.99 -26.56
N ASP A 31 10.43 20.11 -25.95
CA ASP A 31 11.83 20.50 -25.88
C ASP A 31 12.40 20.18 -24.52
N PRO A 32 13.39 19.27 -24.43
CA PRO A 32 13.94 18.89 -23.12
C PRO A 32 14.71 20.01 -22.43
N ARG A 33 15.18 21.02 -23.17
CA ARG A 33 15.90 22.11 -22.52
C ARG A 33 15.02 22.81 -21.50
N LEU A 34 13.73 22.92 -21.79
CA LEU A 34 12.85 23.75 -21.00
C LEU A 34 12.52 23.08 -19.66
N SER A 35 12.18 23.92 -18.68
CA SER A 35 11.75 23.46 -17.37
C SER A 35 10.46 22.66 -17.50
N GLU A 38 7.35 25.21 -17.55
CA GLU A 38 7.02 25.97 -18.74
C GLU A 38 6.61 25.10 -19.92
N ARG A 39 7.00 23.83 -19.94
CA ARG A 39 6.46 22.98 -20.99
C ARG A 39 5.10 22.41 -20.63
N THR A 40 4.72 22.41 -19.35
CA THR A 40 3.31 22.22 -19.00
C THR A 40 2.47 23.37 -19.56
N ALA A 41 2.86 24.61 -19.22
CA ALA A 41 2.20 25.80 -19.76
C ALA A 41 1.99 25.70 -21.26
N ASP A 42 3.03 25.29 -21.99
CA ASP A 42 2.89 25.19 -23.44
C ASP A 42 1.91 24.08 -23.84
N LEU A 43 1.93 22.94 -23.14
CA LEU A 43 1.10 21.80 -23.53
C LEU A 43 -0.36 22.00 -23.14
N VAL A 44 -0.60 22.61 -21.98
CA VAL A 44 -1.98 22.97 -21.62
C VAL A 44 -2.63 23.76 -22.73
N GLY A 45 -1.87 24.67 -23.35
CA GLY A 45 -2.42 25.48 -24.43
C GLY A 45 -2.82 24.70 -25.66
N ARG A 46 -2.25 23.50 -25.85
CA ARG A 46 -2.49 22.75 -27.07
C ARG A 46 -3.49 21.60 -26.90
N LEU A 47 -3.83 21.24 -25.67
CA LEU A 47 -4.61 20.03 -25.44
C LEU A 47 -6.10 20.28 -25.66
N SER A 48 -6.75 19.34 -26.34
CA SER A 48 -8.21 19.36 -26.46
C SER A 48 -8.85 19.13 -25.10
N LEU A 49 -10.15 19.46 -25.02
CA LEU A 49 -10.90 19.21 -23.80
C LEU A 49 -10.88 17.72 -23.45
N ALA A 50 -11.02 16.85 -24.45
CA ALA A 50 -11.03 15.42 -24.19
C ALA A 50 -9.69 14.93 -23.68
N GLU A 51 -8.59 15.59 -24.08
CA GLU A 51 -7.27 15.22 -23.59
C GLU A 51 -7.09 15.65 -22.14
N LYS A 52 -7.62 16.83 -21.78
CA LYS A 52 -7.54 17.30 -20.40
C LYS A 52 -8.34 16.39 -19.46
N ALA A 53 -9.53 15.98 -19.91
CA ALA A 53 -10.37 15.10 -19.12
C ALA A 53 -9.72 13.73 -18.95
N GLY A 54 -9.18 13.16 -20.04
CA GLY A 54 -8.49 11.89 -19.93
C GLY A 54 -7.42 11.88 -18.86
N LEU A 55 -6.77 13.03 -18.63
CA LEU A 55 -5.69 13.10 -17.65
C LEU A 55 -6.18 12.89 -16.22
N MET A 56 -7.44 13.21 -15.94
CA MET A 56 -7.95 13.23 -14.57
C MET A 56 -8.56 11.90 -14.14
N PHE A 57 -8.21 10.81 -14.82
CA PHE A 57 -8.69 9.48 -14.47
C PHE A 57 -7.51 8.53 -14.32
N GLN A 58 -7.57 7.68 -13.29
CA GLN A 58 -6.61 6.62 -13.06
C GLN A 58 -7.36 5.36 -12.69
N THR A 59 -7.09 4.27 -13.40
CA THR A 59 -7.76 3.02 -13.08
C THR A 59 -6.77 1.86 -13.22
N VAL A 60 -7.26 0.66 -12.87
CA VAL A 60 -6.49 -0.55 -12.98
C VAL A 60 -6.18 -0.89 -14.43
N ILE A 61 -4.98 -1.40 -14.66
CA ILE A 61 -4.62 -1.99 -15.94
C ILE A 61 -3.94 -3.32 -15.68
N GLU A 62 -4.10 -4.25 -16.61
CA GLU A 62 -3.52 -5.59 -16.46
C GLU A 62 -2.46 -5.82 -17.51
N VAL A 63 -1.38 -6.47 -17.09
CA VAL A 63 -0.32 -6.89 -18.00
C VAL A 63 -0.76 -8.17 -18.69
N GLY A 64 -0.72 -8.18 -20.02
CA GLY A 64 -0.97 -9.40 -20.75
C GLY A 64 -0.02 -10.51 -20.30
N ALA A 65 -0.51 -11.74 -20.35
CA ALA A 65 0.22 -12.87 -19.78
C ALA A 65 1.63 -13.02 -20.37
N ASP A 66 1.82 -12.68 -21.63
CA ASP A 66 3.10 -12.85 -22.29
C ASP A 66 3.75 -11.50 -22.61
N GLY A 67 3.31 -10.44 -21.94
CA GLY A 67 3.90 -9.14 -22.12
C GLY A 67 3.19 -8.26 -23.12
N GLU A 68 2.04 -8.71 -23.64
CA GLU A 68 1.28 -7.95 -24.61
C GLU A 68 0.27 -7.05 -23.92
N LEU A 69 -0.15 -6.01 -24.62
CA LEU A 69 -1.24 -5.17 -24.16
C LEU A 69 -2.54 -5.95 -24.13
N LYS A 70 -3.18 -5.99 -22.97
CA LYS A 70 -4.47 -6.66 -22.85
C LYS A 70 -5.52 -5.83 -23.60
N GLU A 71 -6.12 -6.41 -24.63
CA GLU A 71 -7.14 -5.71 -25.42
C GLU A 71 -8.54 -6.20 -25.12
N GLU A 72 -8.69 -7.05 -24.13
CA GLU A 72 -9.93 -7.62 -23.67
C GLU A 72 -10.14 -7.30 -22.20
N PRO A 73 -11.38 -7.23 -21.73
CA PRO A 73 -11.61 -7.13 -20.29
C PRO A 73 -10.89 -8.26 -19.56
N GLY A 74 -10.30 -7.92 -18.40
CA GLY A 74 -9.55 -8.85 -17.62
C GLY A 74 -10.27 -9.25 -16.34
N ALA A 75 -9.48 -9.76 -15.39
CA ALA A 75 -10.04 -10.11 -14.07
C ALA A 75 -10.60 -8.88 -13.38
N ILE A 76 -9.88 -7.77 -13.45
CA ILE A 76 -10.23 -6.53 -12.77
C ILE A 76 -10.57 -5.43 -13.77
N SER A 77 -9.66 -5.15 -14.69
CA SER A 77 -9.91 -4.14 -15.71
C SER A 77 -11.07 -4.55 -16.60
N LYS A 78 -11.76 -3.55 -17.15
CA LYS A 78 -12.95 -3.79 -17.96
C LYS A 78 -12.85 -3.28 -19.39
N SER A 79 -11.96 -2.35 -19.70
CA SER A 79 -11.79 -1.90 -21.06
C SER A 79 -10.48 -2.42 -21.64
N GLY A 80 -10.44 -2.45 -22.97
CA GLY A 80 -9.19 -2.70 -23.65
C GLY A 80 -8.22 -1.56 -23.47
N THR A 81 -6.93 -1.88 -23.58
CA THR A 81 -5.89 -0.89 -23.36
C THR A 81 -5.93 0.21 -24.41
N THR A 82 -6.10 -0.18 -25.67
CA THR A 82 -6.23 0.82 -26.74
C THR A 82 -7.45 1.70 -26.50
N GLU A 83 -8.53 1.09 -26.03
CA GLU A 83 -9.72 1.83 -25.63
C GLU A 83 -9.39 2.91 -24.61
N VAL A 84 -8.76 2.53 -23.48
CA VAL A 84 -8.52 3.53 -22.42
C VAL A 84 -7.42 4.49 -22.83
N VAL A 85 -6.34 3.98 -23.42
CA VAL A 85 -5.21 4.84 -23.74
C VAL A 85 -5.56 5.78 -24.89
N VAL A 86 -6.14 5.24 -25.96
CA VAL A 86 -6.39 6.04 -27.17
C VAL A 86 -7.81 6.60 -27.18
N GLY A 87 -8.80 5.75 -26.94
CA GLY A 87 -10.19 6.19 -27.03
C GLY A 87 -10.61 7.12 -25.92
N LYS A 88 -10.00 6.99 -24.74
CA LYS A 88 -10.38 7.81 -23.59
C LYS A 88 -9.28 8.77 -23.17
N ALA A 89 -8.16 8.78 -23.89
CA ALA A 89 -7.04 9.68 -23.60
C ALA A 89 -6.51 9.52 -22.18
N MET A 90 -6.60 8.31 -21.64
CA MET A 90 -6.16 8.04 -20.27
C MET A 90 -4.70 7.57 -20.26
N ASN A 91 -3.96 7.99 -19.21
CA ASN A 91 -2.53 7.72 -19.14
C ASN A 91 -2.03 7.67 -17.69
N HIS A 92 -2.89 7.22 -16.77
CA HIS A 92 -2.52 6.92 -15.39
C HIS A 92 -3.17 5.59 -15.07
N PHE A 93 -2.36 4.58 -14.78
CA PHE A 93 -2.93 3.28 -14.47
C PHE A 93 -2.14 2.64 -13.36
N ASN A 94 -2.87 1.94 -12.51
CA ASN A 94 -2.36 1.16 -11.40
C ASN A 94 -2.24 -0.28 -11.89
N VAL A 95 -1.00 -0.83 -11.92
CA VAL A 95 -0.78 -2.12 -12.55
C VAL A 95 -0.99 -3.24 -11.53
N HIS A 96 -1.50 -4.37 -11.99
CA HIS A 96 -1.79 -5.46 -11.05
C HIS A 96 -0.82 -6.64 -11.11
N GLU A 97 -1.26 -7.79 -11.63
CA GLU A 97 -0.41 -8.98 -11.55
C GLU A 97 0.76 -8.88 -12.52
N ILE A 98 1.97 -8.96 -12.00
CA ILE A 98 3.19 -9.04 -12.80
C ILE A 98 3.80 -10.41 -12.56
N ARG A 99 4.03 -11.16 -13.63
CA ARG A 99 4.64 -12.49 -13.53
C ARG A 99 6.17 -12.43 -13.52
N THR A 100 6.78 -11.80 -14.52
CA THR A 100 8.23 -11.68 -14.62
C THR A 100 8.59 -10.23 -14.86
N ALA A 101 9.84 -9.89 -14.56
CA ALA A 101 10.34 -8.55 -14.81
C ALA A 101 10.37 -8.25 -16.30
N ARG A 102 10.90 -9.19 -17.09
CA ARG A 102 10.89 -9.05 -18.55
C ARG A 102 9.48 -8.80 -19.06
N GLN A 103 8.52 -9.62 -18.62
CA GLN A 103 7.12 -9.39 -18.98
C GLN A 103 6.69 -7.95 -18.72
N ALA A 104 6.97 -7.45 -17.52
CA ALA A 104 6.48 -6.13 -17.14
C ALA A 104 7.12 -5.03 -17.99
N ALA A 105 8.43 -5.10 -18.18
CA ALA A 105 9.14 -4.08 -18.93
C ALA A 105 8.73 -4.09 -20.40
N ARG A 106 8.59 -5.28 -21.00
CA ARG A 106 8.15 -5.34 -22.40
C ARG A 106 6.75 -4.75 -22.55
N TRP A 107 5.84 -5.11 -21.64
CA TRP A 107 4.49 -4.56 -21.68
C TRP A 107 4.50 -3.05 -21.46
N SER A 108 5.35 -2.58 -20.55
CA SER A 108 5.48 -1.15 -20.29
C SER A 108 5.90 -0.40 -21.56
N ASN A 109 6.91 -0.93 -22.26
CA ASN A 109 7.37 -0.30 -23.50
C ASN A 109 6.26 -0.29 -24.56
N ARG A 110 5.57 -1.42 -24.72
CA ARG A 110 4.43 -1.48 -25.63
C ARG A 110 3.38 -0.45 -25.25
N LEU A 111 3.05 -0.36 -23.95
CA LEU A 111 2.08 0.62 -23.49
C LEU A 111 2.52 2.05 -23.82
N GLN A 112 3.80 2.34 -23.62
CA GLN A 112 4.29 3.69 -23.88
C GLN A 112 4.32 4.01 -25.38
N GLU A 113 4.55 3.01 -26.22
CA GLU A 113 4.50 3.25 -27.66
C GLU A 113 3.08 3.59 -28.09
N LEU A 114 2.11 2.80 -27.64
CA LEU A 114 0.70 3.09 -27.88
C LEU A 114 0.35 4.52 -27.50
N ALA A 115 0.85 4.99 -26.34
CA ALA A 115 0.56 6.34 -25.88
C ALA A 115 1.09 7.42 -26.81
N GLU A 116 2.05 7.09 -27.69
CA GLU A 116 2.52 8.07 -28.67
C GLU A 116 1.47 8.37 -29.73
N SER A 117 0.57 7.42 -30.00
CA SER A 117 -0.47 7.60 -31.01
C SER A 117 -1.48 8.68 -30.66
N THR A 118 -1.51 9.16 -29.42
CA THR A 118 -2.47 10.18 -29.08
C THR A 118 -2.05 11.51 -29.70
N PRO A 119 -3.00 12.44 -29.90
CA PRO A 119 -2.67 13.73 -30.50
C PRO A 119 -1.40 14.40 -29.98
N HIS A 120 -1.09 14.23 -28.69
CA HIS A 120 0.11 14.86 -28.13
C HIS A 120 0.99 13.88 -27.37
N GLY A 121 0.82 12.58 -27.61
CA GLY A 121 1.61 11.55 -26.96
C GLY A 121 1.98 11.79 -25.50
N ILE A 122 1.00 12.15 -24.67
CA ILE A 122 1.28 12.24 -23.23
C ILE A 122 1.71 10.88 -22.71
N PRO A 123 2.85 10.76 -22.02
CA PRO A 123 3.30 9.44 -21.55
C PRO A 123 2.44 8.91 -20.41
N VAL A 124 2.51 7.60 -20.24
CA VAL A 124 1.71 6.90 -19.23
C VAL A 124 2.48 6.86 -17.93
N THR A 125 1.80 7.24 -16.84
CA THR A 125 2.30 7.00 -15.48
C THR A 125 1.72 5.68 -14.98
N VAL A 126 2.56 4.68 -14.77
CA VAL A 126 2.13 3.41 -14.20
C VAL A 126 2.42 3.42 -12.70
N SER A 127 1.38 3.29 -11.87
CA SER A 127 1.57 3.18 -10.44
C SER A 127 1.35 1.74 -9.99
N THR A 128 1.66 1.49 -8.71
CA THR A 128 1.31 0.22 -8.11
C THR A 128 1.08 0.40 -6.62
N ASP A 129 0.22 -0.47 -6.10
CA ASP A 129 0.06 -0.69 -4.68
C ASP A 129 1.31 -1.38 -4.13
N PRO A 130 1.49 -1.39 -2.81
CA PRO A 130 2.60 -2.17 -2.24
C PRO A 130 2.58 -3.58 -2.80
N ARG A 131 3.76 -4.06 -3.21
CA ARG A 131 3.82 -5.36 -3.86
C ARG A 131 5.08 -6.14 -3.47
N HIS A 132 5.74 -5.73 -2.39
CA HIS A 132 6.96 -6.38 -1.95
C HIS A 132 6.75 -7.30 -0.75
N ALA A 133 5.57 -7.32 -0.16
CA ALA A 133 5.35 -8.13 1.03
C ALA A 133 5.11 -9.59 0.64
N PHE A 134 5.90 -10.48 1.26
CA PHE A 134 5.78 -11.92 1.00
C PHE A 134 4.34 -12.40 1.13
N VAL A 135 3.66 -11.97 2.19
CA VAL A 135 2.23 -12.29 2.36
C VAL A 135 1.43 -11.31 1.50
N GLU A 136 0.89 -11.79 0.39
CA GLU A 136 0.13 -10.91 -0.50
C GLU A 136 -1.37 -10.98 -0.21
N GLY A 145 5.39 -13.17 -7.40
CA GLY A 145 5.98 -12.35 -8.44
C GLY A 145 7.50 -12.39 -8.45
N PRO A 146 8.11 -11.47 -9.21
CA PRO A 146 9.58 -11.43 -9.31
C PRO A 146 10.28 -10.42 -8.40
N PHE A 147 9.56 -9.63 -7.61
CA PHE A 147 10.19 -8.60 -6.81
C PHE A 147 10.84 -9.21 -5.56
N SER A 148 11.84 -8.49 -5.03
CA SER A 148 12.39 -8.84 -3.73
C SER A 148 11.26 -8.90 -2.70
N GLN A 149 11.36 -9.86 -1.80
CA GLN A 149 10.29 -10.18 -0.86
C GLN A 149 10.66 -9.67 0.54
N TRP A 150 9.71 -8.98 1.16
CA TRP A 150 9.91 -8.26 2.41
C TRP A 150 8.79 -8.60 3.39
N PRO A 151 8.95 -8.26 4.66
CA PRO A 151 7.80 -8.29 5.56
C PRO A 151 6.82 -7.19 5.17
N GLU A 152 5.67 -7.19 5.81
CA GLU A 152 4.78 -6.04 5.64
C GLU A 152 5.38 -4.83 6.34
N ALA A 153 4.87 -3.65 5.98
CA ALA A 153 5.37 -2.39 6.55
C ALA A 153 5.44 -2.43 8.07
N LEU A 154 4.49 -3.10 8.73
CA LEU A 154 4.51 -3.18 10.19
C LEU A 154 5.78 -3.89 10.69
N GLY A 155 6.32 -4.80 9.89
CA GLY A 155 7.58 -5.45 10.24
C GLY A 155 8.74 -4.49 10.26
N LEU A 156 8.81 -3.59 9.28
CA LEU A 156 9.80 -2.52 9.29
C LEU A 156 9.62 -1.63 10.52
N ALA A 157 8.38 -1.40 10.94
CA ALA A 157 8.18 -0.63 12.17
C ALA A 157 8.69 -1.38 13.39
N ALA A 158 8.57 -2.71 13.39
CA ALA A 158 9.09 -3.50 14.49
C ALA A 158 10.61 -3.41 14.58
N LEU A 159 11.31 -3.30 13.44
CA LEU A 159 12.75 -3.06 13.49
C LEU A 159 13.07 -1.64 13.96
N ASP A 160 12.15 -0.71 13.76
CA ASP A 160 12.29 0.67 14.24
C ASP A 160 13.62 1.29 13.81
N ASP A 161 14.02 1.03 12.56
CA ASP A 161 15.32 1.42 12.04
C ASP A 161 15.11 2.29 10.81
N VAL A 162 15.44 3.58 10.93
CA VAL A 162 15.26 4.50 9.81
C VAL A 162 16.07 4.06 8.60
N ASP A 163 17.23 3.43 8.83
CA ASP A 163 18.06 2.99 7.71
C ASP A 163 17.44 1.81 6.96
N ALA A 164 16.74 0.92 7.66
CA ALA A 164 16.07 -0.18 6.98
C ALA A 164 14.96 0.34 6.06
N ILE A 165 14.37 1.49 6.40
CA ILE A 165 13.35 2.07 5.57
C ILE A 165 13.96 2.78 4.37
N ARG A 166 15.08 3.47 4.56
CA ARG A 166 15.84 3.96 3.42
C ARG A 166 16.18 2.83 2.47
N ALA A 167 16.66 1.71 3.02
CA ALA A 167 17.09 0.58 2.20
C ALA A 167 15.93 -0.03 1.44
N PHE A 168 14.80 -0.27 2.10
CA PHE A 168 13.62 -0.76 1.39
C PHE A 168 13.25 0.17 0.25
N ALA A 169 13.13 1.47 0.55
CA ALA A 169 12.61 2.40 -0.46
C ALA A 169 13.50 2.44 -1.68
N ASP A 170 14.82 2.50 -1.48
CA ASP A 170 15.74 2.48 -2.62
C ASP A 170 15.68 1.16 -3.37
N ALA A 171 15.62 0.04 -2.64
CA ALA A 171 15.49 -1.27 -3.27
C ALA A 171 14.24 -1.32 -4.15
N ALA A 172 13.08 -0.99 -3.57
CA ALA A 172 11.84 -1.01 -4.33
C ALA A 172 11.85 0.01 -5.44
N ARG A 173 12.49 1.16 -5.21
CA ARG A 173 12.58 2.15 -6.28
C ARG A 173 13.33 1.59 -7.49
N GLN A 174 14.49 0.95 -7.25
CA GLN A 174 15.23 0.31 -8.33
C GLN A 174 14.38 -0.70 -9.08
N GLU A 175 13.63 -1.53 -8.33
CA GLU A 175 12.85 -2.58 -8.98
C GLU A 175 11.67 -1.99 -9.74
N TYR A 176 10.98 -1.00 -9.16
CA TYR A 176 9.85 -0.37 -9.85
C TYR A 176 10.30 0.23 -11.17
N VAL A 177 11.33 1.08 -11.11
CA VAL A 177 11.76 1.86 -12.26
C VAL A 177 12.28 0.95 -13.37
N ALA A 178 12.84 -0.20 -13.01
CA ALA A 178 13.35 -1.13 -14.02
C ALA A 178 12.26 -1.61 -14.95
N VAL A 179 11.02 -1.76 -14.46
CA VAL A 179 9.92 -2.24 -15.28
C VAL A 179 8.98 -1.11 -15.70
N GLY A 180 9.39 0.15 -15.53
CA GLY A 180 8.55 1.24 -15.94
C GLY A 180 7.45 1.63 -14.96
N ILE A 181 7.50 1.12 -13.73
CA ILE A 181 6.62 1.60 -12.67
C ILE A 181 7.28 2.86 -12.10
N ARG A 182 6.62 4.00 -12.25
CA ARG A 182 7.16 5.28 -11.85
C ARG A 182 6.29 5.99 -10.81
N ALA A 183 5.24 5.34 -10.33
CA ALA A 183 4.43 5.91 -9.25
C ALA A 183 4.12 4.85 -8.21
N ALA A 184 4.04 5.26 -6.96
CA ALA A 184 3.75 4.39 -5.83
C ALA A 184 2.46 4.86 -5.18
N LEU A 185 1.49 3.95 -5.06
CA LEU A 185 0.31 4.21 -4.25
C LEU A 185 0.66 3.90 -2.79
N HIS A 186 1.61 4.66 -2.28
CA HIS A 186 2.15 4.58 -0.93
C HIS A 186 3.23 5.66 -0.85
N PRO A 187 3.84 5.92 0.33
CA PRO A 187 3.69 5.28 1.64
C PRO A 187 2.29 5.39 2.25
N GLN A 188 1.91 4.35 2.97
CA GLN A 188 0.70 4.36 3.78
C GLN A 188 1.09 4.79 5.18
N ILE A 189 0.73 6.01 5.57
CA ILE A 189 1.23 6.55 6.82
C ILE A 189 0.07 6.79 7.78
N ASP A 190 -1.00 6.02 7.60
CA ASP A 190 -2.02 5.89 8.64
C ASP A 190 -1.39 5.32 9.92
N LEU A 191 -1.97 5.68 11.07
CA LEU A 191 -1.52 5.20 12.37
C LEU A 191 -2.45 4.12 12.90
N ALA A 192 -1.86 3.01 13.36
CA ALA A 192 -2.61 1.85 13.80
C ALA A 192 -3.11 2.00 15.22
N THR A 193 -3.85 3.08 15.49
CA THR A 193 -4.34 3.34 16.83
C THR A 193 -5.53 2.47 17.23
N GLU A 194 -6.23 1.89 16.24
CA GLU A 194 -7.41 1.05 16.48
C GLU A 194 -7.06 -0.40 16.18
N PRO A 195 -6.94 -1.27 17.20
CA PRO A 195 -6.34 -2.60 16.97
C PRO A 195 -7.16 -3.52 16.10
N ARG A 196 -8.47 -3.28 15.96
CA ARG A 196 -9.30 -4.14 15.14
C ARG A 196 -9.21 -3.82 13.65
N TRP A 197 -8.50 -2.77 13.25
CA TRP A 197 -8.45 -2.38 11.85
C TRP A 197 -7.71 -3.41 11.00
N GLY A 198 -8.35 -3.85 9.93
CA GLY A 198 -7.73 -4.85 9.12
C GLY A 198 -6.71 -4.35 8.11
N ARG A 199 -6.27 -3.09 8.21
CA ARG A 199 -5.19 -2.61 7.35
C ARG A 199 -3.96 -2.18 8.15
N GLN A 200 -3.83 -2.66 9.39
CA GLN A 200 -2.68 -2.32 10.23
C GLN A 200 -1.37 -2.79 9.62
N ALA A 201 -1.38 -3.95 8.97
CA ALA A 201 -0.12 -4.58 8.57
C ALA A 201 0.64 -3.71 7.60
N GLN A 202 -0.06 -2.86 6.86
CA GLN A 202 0.56 -2.00 5.87
C GLN A 202 0.89 -0.63 6.41
N THR A 203 0.71 -0.41 7.71
CA THR A 203 1.20 0.80 8.34
C THR A 203 2.59 0.58 8.92
N LEU A 204 3.15 1.68 9.43
CA LEU A 204 4.42 1.68 10.13
C LEU A 204 4.21 1.93 11.62
N GLY A 205 3.18 1.30 12.19
CA GLY A 205 2.84 1.46 13.59
C GLY A 205 1.89 2.61 13.85
N HIS A 206 1.97 3.25 15.02
CA HIS A 206 1.07 4.34 15.36
C HIS A 206 1.75 5.54 16.03
N ASP A 207 3.07 5.55 16.16
CA ASP A 207 3.80 6.69 16.71
C ASP A 207 3.89 7.78 15.66
N ALA A 208 3.15 8.87 15.85
CA ALA A 208 3.09 9.92 14.82
C ALA A 208 4.46 10.50 14.51
N ASP A 209 5.27 10.75 15.55
CA ASP A 209 6.61 11.29 15.33
C ASP A 209 7.49 10.30 14.59
N ARG A 210 7.54 9.06 15.08
CA ARG A 210 8.35 8.05 14.42
C ARG A 210 7.92 7.88 12.97
N VAL A 211 6.61 7.71 12.74
CA VAL A 211 6.10 7.51 11.39
C VAL A 211 6.48 8.68 10.50
N ALA A 212 6.40 9.91 11.04
CA ALA A 212 6.80 11.09 10.26
C ALA A 212 8.26 11.01 9.86
N GLU A 213 9.12 10.45 10.71
CA GLU A 213 10.53 10.29 10.37
C GLU A 213 10.70 9.27 9.26
N PHE A 214 10.06 8.10 9.41
CA PHE A 214 10.03 7.11 8.33
C PHE A 214 9.50 7.71 7.04
N THR A 215 8.50 8.59 7.13
CA THR A 215 7.91 9.18 5.93
C THR A 215 8.94 9.98 5.15
N ALA A 216 9.76 10.78 5.85
CA ALA A 216 10.81 11.53 5.17
C ALA A 216 11.80 10.59 4.50
N ALA A 217 12.19 9.52 5.18
CA ALA A 217 13.13 8.56 4.60
C ALA A 217 12.50 7.82 3.43
N TYR A 218 11.22 7.49 3.56
CA TYR A 218 10.51 6.80 2.50
C TYR A 218 10.41 7.67 1.25
N LEU A 219 9.96 8.91 1.42
CA LEU A 219 9.81 9.79 0.26
C LEU A 219 11.16 10.14 -0.36
N GLN A 220 12.18 10.36 0.48
CA GLN A 220 13.52 10.61 -0.06
C GLN A 220 14.04 9.38 -0.78
N GLY A 221 13.89 8.20 -0.17
CA GLY A 221 14.35 6.99 -0.82
C GLY A 221 13.69 6.71 -2.15
N PHE A 222 12.38 7.02 -2.27
CA PHE A 222 11.68 6.77 -3.53
C PHE A 222 11.78 7.92 -4.51
N GLN A 223 11.62 9.16 -4.03
CA GLN A 223 11.56 10.31 -4.91
C GLN A 223 12.89 11.03 -5.06
N GLY A 224 13.81 10.88 -4.09
CA GLY A 224 14.98 11.73 -4.02
C GLY A 224 14.61 13.06 -3.38
N ASP A 225 15.55 14.00 -3.44
CA ASP A 225 15.25 15.36 -3.02
C ASP A 225 14.65 16.18 -4.14
N GLU A 226 14.82 15.75 -5.39
CA GLU A 226 14.11 16.30 -6.55
C GLU A 226 13.70 15.14 -7.43
N LEU A 227 12.49 15.21 -7.98
CA LEU A 227 12.04 14.16 -8.89
C LEU A 227 12.88 14.17 -10.16
N GLY A 228 13.27 12.98 -10.60
CA GLY A 228 14.07 12.86 -11.80
C GLY A 228 13.81 11.58 -12.55
N SER A 229 14.70 11.25 -13.50
CA SER A 229 14.49 10.12 -14.40
C SER A 229 14.55 8.78 -13.68
N ALA A 230 15.12 8.73 -12.48
CA ALA A 230 15.18 7.49 -11.70
C ALA A 230 14.25 7.53 -10.48
N SER A 231 13.34 8.50 -10.43
CA SER A 231 12.44 8.65 -9.29
C SER A 231 11.20 7.79 -9.46
N VAL A 232 10.60 7.46 -8.32
CA VAL A 232 9.19 7.03 -8.24
C VAL A 232 8.42 8.14 -7.54
N ALA A 233 7.39 8.66 -8.22
CA ALA A 233 6.50 9.65 -7.58
C ALA A 233 5.57 8.95 -6.61
N CYS A 234 5.56 9.41 -5.35
CA CYS A 234 4.74 8.78 -4.32
C CYS A 234 3.36 9.40 -4.17
N THR A 235 2.35 8.54 -4.04
CA THR A 235 1.00 8.98 -3.65
C THR A 235 0.83 8.60 -2.18
N THR A 236 1.07 9.58 -1.31
CA THR A 236 0.96 9.37 0.13
C THR A 236 -0.51 9.21 0.53
N LYS A 237 -0.78 8.29 1.46
CA LYS A 237 -2.15 7.86 1.74
C LYS A 237 -2.22 7.37 3.19
N HIS A 238 -3.43 7.34 3.78
CA HIS A 238 -4.65 7.87 3.19
C HIS A 238 -5.02 9.15 3.92
N PHE A 239 -4.85 10.28 3.25
CA PHE A 239 -4.98 11.58 3.89
C PHE A 239 -6.41 11.78 4.39
N PRO A 240 -6.61 12.34 5.60
CA PRO A 240 -5.65 12.85 6.58
C PRO A 240 -5.30 11.85 7.67
N GLY A 241 -5.49 10.57 7.41
CA GLY A 241 -5.15 9.53 8.37
C GLY A 241 -6.28 8.52 8.46
N GLY A 242 -6.06 7.32 7.92
CA GLY A 242 -7.09 6.30 7.85
C GLY A 242 -7.24 5.37 9.04
N GLY A 243 -6.31 5.41 9.99
CA GLY A 243 -6.31 4.49 11.11
C GLY A 243 -7.51 4.47 12.06
N PRO A 244 -8.12 5.64 12.39
CA PRO A 244 -9.14 5.57 13.46
C PRO A 244 -10.53 5.19 12.96
N GLN A 245 -10.65 3.93 12.55
CA GLN A 245 -11.91 3.41 12.02
C GLN A 245 -12.83 3.01 13.14
N LYS A 246 -14.07 3.48 13.09
CA LYS A 246 -15.03 3.25 14.16
C LYS A 246 -15.31 1.76 14.31
N ASP A 247 -15.20 1.27 15.55
CA ASP A 247 -15.32 -0.14 15.88
C ASP A 247 -14.32 -1.01 15.12
N GLY A 248 -13.30 -0.39 14.52
CA GLY A 248 -12.32 -1.12 13.75
C GLY A 248 -12.76 -1.52 12.36
N GLU A 249 -14.00 -1.23 11.97
CA GLU A 249 -14.50 -1.64 10.67
C GLU A 249 -14.03 -0.67 9.60
N ASP A 250 -13.59 -1.21 8.47
CA ASP A 250 -12.87 -0.40 7.51
C ASP A 250 -13.83 0.21 6.49
N ALA A 251 -13.47 1.41 6.01
CA ALA A 251 -14.26 2.22 5.08
C ALA A 251 -14.26 1.65 3.65
N HIS A 252 -13.67 0.48 3.40
CA HIS A 252 -13.99 -0.23 2.16
C HIS A 252 -15.44 -0.69 2.16
N PHE A 253 -16.04 -0.84 3.31
CA PHE A 253 -17.35 -1.43 3.42
C PHE A 253 -18.40 -0.40 3.82
N PRO A 254 -19.62 -0.56 3.31
CA PRO A 254 -20.68 0.42 3.62
C PRO A 254 -21.08 0.41 5.07
N TYR A 255 -20.80 -0.66 5.82
CA TYR A 255 -21.00 -0.63 7.26
C TYR A 255 -19.78 -0.10 8.03
N GLY A 256 -18.65 0.16 7.35
CA GLY A 256 -17.47 0.66 8.03
C GLY A 256 -17.00 2.04 7.57
N ARG A 257 -17.93 2.90 7.16
CA ARG A 257 -17.58 4.16 6.53
C ARG A 257 -16.95 5.16 7.49
N GLU A 258 -17.23 5.05 8.78
CA GLU A 258 -16.95 6.14 9.71
C GLU A 258 -15.54 6.07 10.29
N GLN A 259 -14.95 7.25 10.48
CA GLN A 259 -13.79 7.44 11.34
C GLN A 259 -14.23 8.34 12.49
N VAL A 260 -13.77 8.01 13.71
CA VAL A 260 -14.15 8.76 14.90
C VAL A 260 -12.91 9.18 15.67
N TYR A 261 -13.02 10.29 16.40
CA TYR A 261 -11.89 10.90 17.12
C TYR A 261 -12.24 11.13 18.59
N PRO A 262 -12.63 10.07 19.32
CA PRO A 262 -13.03 10.26 20.72
C PRO A 262 -11.92 10.77 21.63
N GLY A 263 -10.66 10.57 21.26
CA GLY A 263 -9.55 11.10 22.01
C GLY A 263 -9.04 12.42 21.51
N GLY A 264 -9.77 13.07 20.62
CA GLY A 264 -9.34 14.33 20.01
C GLY A 264 -8.00 14.26 19.29
N TYR A 268 -2.87 14.41 15.65
CA TYR A 268 -1.91 13.32 15.73
C TYR A 268 -1.85 12.54 14.41
N HIS A 269 -3.01 12.12 13.90
CA HIS A 269 -3.07 11.34 12.66
C HIS A 269 -2.65 12.18 11.46
N LEU A 270 -2.94 13.48 11.51
CA LEU A 270 -2.49 14.37 10.46
C LEU A 270 -0.96 14.48 10.42
N ARG A 271 -0.29 14.35 11.56
CA ARG A 271 1.12 14.77 11.64
C ARG A 271 2.05 14.13 10.60
N PRO A 272 2.00 12.83 10.30
CA PRO A 272 2.88 12.33 9.23
C PRO A 272 2.62 12.98 7.89
N PHE A 273 1.37 13.38 7.61
CA PHE A 273 1.06 13.96 6.31
C PHE A 273 1.64 15.37 6.17
N ARG A 274 1.72 16.13 7.26
CA ARG A 274 2.47 17.39 7.23
C ARG A 274 3.92 17.16 6.81
N GLU A 275 4.54 16.09 7.29
CA GLU A 275 5.88 15.74 6.84
C GLU A 275 5.89 15.40 5.35
N ALA A 276 4.89 14.64 4.90
CA ALA A 276 4.83 14.27 3.49
C ALA A 276 4.69 15.50 2.60
N ILE A 277 3.96 16.50 3.08
CA ILE A 277 3.86 17.76 2.36
C ILE A 277 5.21 18.50 2.40
N GLU A 278 5.81 18.64 3.59
CA GLU A 278 7.13 19.28 3.70
C GLU A 278 8.16 18.57 2.81
N ARG A 279 8.00 17.27 2.59
CA ARG A 279 8.92 16.50 1.77
C ARG A 279 8.56 16.50 0.31
N GLY A 280 7.45 17.12 -0.10
CA GLY A 280 7.11 17.16 -1.50
C GLY A 280 6.60 15.86 -2.11
N THR A 281 5.85 15.05 -1.36
CA THR A 281 5.19 13.91 -1.98
C THR A 281 4.45 14.36 -3.24
N ALA A 282 4.68 13.65 -4.34
CA ALA A 282 4.16 14.11 -5.62
C ALA A 282 2.63 14.06 -5.67
N ALA A 283 2.01 13.15 -4.93
CA ALA A 283 0.56 13.04 -4.90
C ALA A 283 0.13 12.65 -3.50
N MET A 284 -1.18 12.73 -3.28
CA MET A 284 -1.83 12.50 -2.00
C MET A 284 -3.19 11.85 -2.23
N MET A 285 -3.51 10.82 -1.45
CA MET A 285 -4.79 10.11 -1.60
C MET A 285 -5.61 10.23 -0.34
N PRO A 286 -6.73 10.96 -0.35
CA PRO A 286 -7.65 10.92 0.78
C PRO A 286 -8.30 9.55 0.92
N TYR A 287 -8.60 9.17 2.16
CA TYR A 287 -9.25 7.88 2.38
C TYR A 287 -10.75 7.94 2.07
N TYR A 288 -11.35 6.72 1.99
CA TYR A 288 -12.79 6.55 1.87
C TYR A 288 -13.50 7.12 3.08
N GLY A 289 -12.82 7.10 4.22
CA GLY A 289 -13.41 7.41 5.51
C GLY A 289 -14.23 8.66 5.54
N MET A 290 -15.26 8.58 6.36
CA MET A 290 -16.20 9.64 6.63
C MET A 290 -16.03 10.05 8.08
N PRO A 291 -15.59 11.27 8.38
CA PRO A 291 -15.39 11.66 9.78
C PRO A 291 -16.74 11.92 10.45
N GLU A 292 -16.95 11.28 11.59
CA GLU A 292 -18.19 11.36 12.33
C GLU A 292 -17.93 12.12 13.63
N GLY A 293 -18.69 13.19 13.85
CA GLY A 293 -18.60 13.91 15.10
C GLY A 293 -17.29 14.64 15.30
N LEU A 294 -16.67 15.06 14.21
CA LEU A 294 -15.37 15.72 14.30
C LEU A 294 -15.56 17.23 14.32
N VAL A 295 -14.89 17.89 15.28
CA VAL A 295 -14.80 19.34 15.37
C VAL A 295 -13.31 19.69 15.37
N ARG A 296 -12.92 20.60 14.47
CA ARG A 296 -11.54 21.03 14.36
C ARG A 296 -11.49 22.53 14.53
N ASP A 297 -10.88 22.99 15.63
CA ASP A 297 -10.76 24.41 15.94
C ASP A 297 -12.13 25.09 15.95
N GLY A 298 -13.06 24.49 16.68
CA GLY A 298 -14.41 25.01 16.83
C GLY A 298 -15.28 24.94 15.60
N GLU A 299 -14.84 24.27 14.54
CA GLU A 299 -15.57 24.23 13.28
C GLU A 299 -15.98 22.79 12.99
N ALA A 300 -17.28 22.56 12.83
CA ALA A 300 -17.77 21.21 12.59
C ALA A 300 -17.43 20.76 11.18
N ILE A 301 -16.89 19.54 11.05
CA ILE A 301 -16.42 19.02 9.78
C ILE A 301 -17.51 18.21 9.13
N GLU A 302 -17.77 18.47 7.85
CA GLU A 302 -18.83 17.80 7.11
C GLU A 302 -18.67 16.28 7.22
N PRO A 303 -19.73 15.54 7.55
CA PRO A 303 -19.59 14.07 7.68
C PRO A 303 -19.70 13.36 6.35
N VAL A 304 -18.65 13.49 5.53
CA VAL A 304 -18.64 12.91 4.19
C VAL A 304 -17.25 12.35 3.90
N GLY A 305 -17.20 11.35 3.02
CA GLY A 305 -15.94 10.76 2.58
C GLY A 305 -14.93 11.83 2.22
N PHE A 306 -13.69 11.67 2.66
CA PHE A 306 -12.70 12.75 2.55
C PHE A 306 -12.56 13.25 1.12
N GLY A 307 -12.73 12.36 0.13
CA GLY A 307 -12.65 12.77 -1.27
C GLY A 307 -13.72 13.76 -1.71
N PHE A 308 -14.84 13.82 -0.99
CA PHE A 308 -15.94 14.75 -1.26
C PHE A 308 -15.97 15.94 -0.32
N ASN A 309 -14.95 16.11 0.51
CA ASN A 309 -15.00 16.93 1.71
C ASN A 309 -14.16 18.19 1.48
N ARG A 310 -14.82 19.26 1.04
CA ARG A 310 -14.10 20.48 0.69
C ARG A 310 -13.34 21.03 1.87
N GLN A 311 -13.87 20.90 3.08
CA GLN A 311 -13.13 21.36 4.26
C GLN A 311 -11.78 20.65 4.38
N VAL A 312 -11.76 19.33 4.16
CA VAL A 312 -10.51 18.58 4.36
C VAL A 312 -9.56 18.79 3.19
N ILE A 313 -10.07 18.70 1.96
CA ILE A 313 -9.20 18.81 0.81
C ILE A 313 -8.80 20.27 0.56
N THR A 314 -9.78 21.18 0.50
CA THR A 314 -9.46 22.56 0.14
C THR A 314 -9.06 23.39 1.34
N GLY A 315 -9.89 23.39 2.38
CA GLY A 315 -9.59 24.20 3.55
C GLY A 315 -8.29 23.76 4.20
N LEU A 316 -8.17 22.47 4.51
CA LEU A 316 -7.03 21.98 5.24
C LEU A 316 -5.84 21.73 4.31
N LEU A 317 -5.99 20.83 3.35
CA LEU A 317 -4.84 20.38 2.57
C LEU A 317 -4.35 21.49 1.62
N ARG A 318 -5.26 22.07 0.84
CA ARG A 318 -4.84 23.10 -0.12
C ARG A 318 -4.44 24.40 0.59
N GLU A 319 -5.35 24.96 1.38
CA GLU A 319 -5.13 26.30 1.88
C GLU A 319 -4.27 26.33 3.13
N GLU A 320 -4.67 25.56 4.16
CA GLU A 320 -3.95 25.62 5.43
C GLU A 320 -2.57 25.00 5.35
N LEU A 321 -2.44 23.90 4.62
CA LEU A 321 -1.16 23.19 4.52
C LEU A 321 -0.37 23.57 3.27
N GLY A 322 -0.98 24.31 2.35
CA GLY A 322 -0.30 24.77 1.15
C GLY A 322 0.13 23.67 0.20
N TYR A 323 -0.67 22.62 0.04
CA TYR A 323 -0.28 21.50 -0.80
C TYR A 323 -0.79 21.72 -2.22
N ASP A 324 0.12 21.76 -3.17
CA ASP A 324 -0.26 21.96 -4.56
C ASP A 324 0.09 20.75 -5.44
N GLY A 325 0.46 19.62 -4.85
CA GLY A 325 0.64 18.40 -5.63
C GLY A 325 -0.70 17.80 -6.04
N VAL A 326 -0.61 16.63 -6.69
CA VAL A 326 -1.79 15.96 -7.23
C VAL A 326 -2.60 15.32 -6.10
N VAL A 327 -3.93 15.49 -6.15
CA VAL A 327 -4.83 14.80 -5.22
C VAL A 327 -5.69 13.84 -6.03
N VAL A 328 -5.52 12.54 -5.77
CA VAL A 328 -6.26 11.51 -6.47
C VAL A 328 -7.17 10.81 -5.45
N THR A 329 -8.44 10.63 -5.80
CA THR A 329 -9.32 9.92 -4.87
C THR A 329 -8.83 8.49 -4.67
N ASP A 330 -9.27 7.89 -3.57
CA ASP A 330 -9.24 6.43 -3.45
C ASP A 330 -10.20 5.84 -4.49
N TRP A 331 -10.13 4.52 -4.64
CA TRP A 331 -10.63 3.87 -5.85
C TRP A 331 -12.15 3.80 -5.87
N GLU A 332 -12.74 4.27 -6.98
CA GLU A 332 -14.15 4.07 -7.31
C GLU A 332 -15.07 4.81 -6.36
N LEU A 333 -15.01 6.13 -6.41
CA LEU A 333 -15.90 6.99 -5.65
C LEU A 333 -17.17 7.35 -6.40
N VAL A 334 -17.21 7.13 -7.72
CA VAL A 334 -18.19 7.75 -8.59
C VAL A 334 -19.25 6.75 -9.06
N ASN A 335 -18.83 5.60 -9.58
CA ASN A 335 -19.74 4.62 -10.15
C ASN A 335 -19.77 3.33 -9.36
N ASP A 336 -20.95 2.72 -9.29
CA ASP A 336 -21.05 1.34 -8.84
C ASP A 336 -20.48 0.40 -9.89
N ASN A 337 -20.16 -0.82 -9.48
CA ASN A 337 -19.64 -1.85 -10.38
C ASN A 337 -20.52 -3.09 -10.32
N HIS A 338 -20.12 -4.13 -11.08
CA HIS A 338 -20.86 -5.38 -11.12
C HIS A 338 -19.90 -6.54 -11.42
N VAL A 339 -18.69 -6.50 -10.84
CA VAL A 339 -17.76 -7.62 -10.95
C VAL A 339 -18.37 -8.83 -10.26
N GLY A 340 -18.26 -9.99 -10.90
CA GLY A 340 -19.06 -11.14 -10.49
C GLY A 340 -20.47 -10.93 -10.99
N ASP A 341 -21.49 -11.28 -10.20
CA ASP A 341 -22.86 -10.93 -10.54
C ASP A 341 -23.60 -10.21 -9.40
N GLN A 342 -22.89 -9.73 -8.40
CA GLN A 342 -23.53 -8.77 -7.52
C GLN A 342 -22.71 -7.48 -7.48
N VAL A 343 -23.16 -6.53 -6.68
CA VAL A 343 -22.87 -5.11 -6.88
C VAL A 343 -21.73 -4.67 -5.97
N LEU A 344 -20.69 -4.08 -6.56
CA LEU A 344 -19.71 -3.35 -5.78
C LEU A 344 -20.15 -1.90 -5.70
N PRO A 345 -20.41 -1.37 -4.49
CA PRO A 345 -20.97 -0.02 -4.40
C PRO A 345 -19.86 1.01 -4.55
N ALA A 346 -20.16 2.10 -5.25
CA ALA A 346 -19.29 3.26 -5.19
C ALA A 346 -19.09 3.63 -3.72
N ARG A 347 -17.85 3.93 -3.35
CA ARG A 347 -17.57 4.22 -1.96
C ARG A 347 -17.95 5.66 -1.64
N ALA A 348 -19.20 6.00 -1.94
CA ALA A 348 -19.68 7.38 -1.90
C ALA A 348 -20.23 7.70 -0.52
N TRP A 349 -19.34 7.64 0.48
CA TRP A 349 -19.76 7.65 1.87
C TRP A 349 -20.26 9.02 2.28
N GLY A 350 -21.51 9.06 2.77
CA GLY A 350 -22.19 10.30 3.12
C GLY A 350 -22.80 11.03 1.95
N VAL A 351 -22.58 10.56 0.73
CA VAL A 351 -23.17 11.16 -0.46
C VAL A 351 -23.74 10.03 -1.30
N GLU A 352 -24.21 8.97 -0.62
CA GLU A 352 -24.71 7.81 -1.34
C GLU A 352 -25.90 8.17 -2.23
N GLU A 353 -26.68 9.17 -1.85
CA GLU A 353 -27.87 9.56 -2.60
C GLU A 353 -27.54 10.44 -3.80
N LEU A 354 -26.28 10.83 -4.00
CA LEU A 354 -25.88 11.57 -5.18
C LEU A 354 -25.65 10.62 -6.35
N THR A 355 -25.93 11.12 -7.55
CA THR A 355 -25.65 10.36 -8.75
C THR A 355 -24.17 10.46 -9.09
N PRO A 356 -23.70 9.60 -9.99
CA PRO A 356 -22.33 9.76 -10.50
C PRO A 356 -21.95 11.17 -10.93
N HIS A 357 -22.77 11.83 -11.75
CA HIS A 357 -22.45 13.20 -12.15
C HIS A 357 -22.26 14.08 -10.93
N GLU A 358 -23.17 13.97 -9.96
CA GLU A 358 -23.11 14.83 -8.77
C GLU A 358 -21.95 14.47 -7.86
N ARG A 359 -21.63 13.17 -7.76
CA ARG A 359 -20.44 12.73 -7.04
C ARG A 359 -19.19 13.33 -7.66
N MET A 360 -19.01 13.11 -8.96
CA MET A 360 -17.84 13.64 -9.65
C MET A 360 -17.73 15.14 -9.47
N GLU A 361 -18.84 15.86 -9.59
CA GLU A 361 -18.82 17.30 -9.43
C GLU A 361 -18.40 17.67 -8.02
N ARG A 362 -18.92 16.95 -7.02
CA ARG A 362 -18.56 17.22 -5.63
C ARG A 362 -17.08 16.98 -5.36
N ILE A 363 -16.48 15.98 -6.02
CA ILE A 363 -15.06 15.71 -5.84
C ILE A 363 -14.24 16.83 -6.43
N ILE A 364 -14.60 17.28 -7.64
CA ILE A 364 -13.93 18.43 -8.23
C ILE A 364 -14.06 19.64 -7.32
N GLU A 365 -15.28 19.91 -6.83
CA GLU A 365 -15.50 21.06 -5.95
C GLU A 365 -14.73 20.94 -4.66
N ALA A 366 -14.61 19.72 -4.11
CA ALA A 366 -13.83 19.55 -2.90
C ALA A 366 -12.36 19.91 -3.10
N GLY A 367 -11.85 19.84 -4.32
CA GLY A 367 -10.49 20.22 -4.63
C GLY A 367 -9.54 19.10 -5.06
N CYS A 368 -10.06 17.97 -5.52
CA CYS A 368 -9.22 16.88 -5.97
C CYS A 368 -8.93 17.04 -7.46
N ASP A 369 -7.90 16.34 -7.93
CA ASP A 369 -7.46 16.46 -9.31
C ASP A 369 -7.73 15.24 -10.16
N GLN A 370 -7.91 14.07 -9.54
CA GLN A 370 -7.96 12.83 -10.31
C GLN A 370 -8.90 11.85 -9.61
N PHE A 371 -9.70 11.16 -10.43
CA PHE A 371 -10.64 10.15 -9.94
C PHE A 371 -9.95 8.80 -10.02
N GLY A 372 -9.69 8.20 -8.86
CA GLY A 372 -9.15 6.85 -8.84
C GLY A 372 -10.20 5.79 -9.13
N GLY A 373 -9.77 4.70 -9.75
CA GLY A 373 -10.67 3.60 -10.07
C GLY A 373 -11.86 3.99 -10.92
N GLU A 374 -11.70 4.97 -11.80
CA GLU A 374 -12.76 5.39 -12.71
C GLU A 374 -12.17 5.64 -14.09
N GLU A 375 -12.98 5.41 -15.11
CA GLU A 375 -12.62 5.75 -16.47
C GLU A 375 -13.75 6.47 -17.20
N CYS A 376 -14.60 7.20 -16.48
CA CYS A 376 -15.81 7.75 -17.09
C CYS A 376 -15.54 9.19 -17.51
N VAL A 377 -14.62 9.31 -18.49
CA VAL A 377 -14.20 10.60 -19.00
C VAL A 377 -15.38 11.35 -19.62
N ASP A 378 -16.33 10.62 -20.23
CA ASP A 378 -17.52 11.25 -20.79
C ASP A 378 -18.36 11.92 -19.71
N VAL A 379 -18.39 11.38 -18.48
CA VAL A 379 -19.11 12.06 -17.40
C VAL A 379 -18.49 13.42 -17.13
N LEU A 380 -17.16 13.51 -17.17
CA LEU A 380 -16.50 14.78 -16.88
C LEU A 380 -16.69 15.77 -18.01
N LEU A 381 -16.60 15.31 -19.25
CA LEU A 381 -16.86 16.17 -20.39
C LEU A 381 -18.29 16.71 -20.33
N ASP A 382 -19.24 15.85 -19.90
CA ASP A 382 -20.61 16.26 -19.63
C ASP A 382 -20.67 17.49 -18.74
N LEU A 383 -20.02 17.41 -17.57
CA LEU A 383 -20.07 18.51 -16.61
C LEU A 383 -19.57 19.82 -17.22
N VAL A 384 -18.48 19.75 -17.99
CA VAL A 384 -17.97 20.94 -18.65
C VAL A 384 -18.98 21.48 -19.66
N ALA A 385 -19.57 20.59 -20.47
CA ALA A 385 -20.55 21.03 -21.45
C ALA A 385 -21.84 21.49 -20.77
N SER A 386 -22.24 20.80 -19.69
CA SER A 386 -23.40 21.24 -18.91
C SER A 386 -23.19 22.60 -18.27
N GLY A 387 -21.96 23.11 -18.24
CA GLY A 387 -21.65 24.31 -17.50
C GLY A 387 -21.35 24.11 -16.02
N ARG A 388 -21.32 22.86 -15.54
CA ARG A 388 -21.14 22.62 -14.11
C ARG A 388 -19.69 22.84 -13.67
N VAL A 389 -18.73 22.52 -14.54
CA VAL A 389 -17.30 22.61 -14.24
C VAL A 389 -16.60 23.38 -15.36
N SER A 390 -15.76 24.33 -14.98
CA SER A 390 -15.09 25.18 -15.95
C SER A 390 -13.81 24.52 -16.48
N GLU A 391 -13.51 24.75 -17.77
CA GLU A 391 -12.22 24.33 -18.30
C GLU A 391 -11.08 24.99 -17.55
N ALA A 392 -11.29 26.21 -17.04
CA ALA A 392 -10.28 26.83 -16.19
C ALA A 392 -10.02 26.00 -14.95
N ARG A 393 -11.09 25.51 -14.32
CA ARG A 393 -10.91 24.62 -13.18
C ARG A 393 -10.17 23.36 -13.58
N ILE A 394 -10.54 22.76 -14.71
CA ILE A 394 -9.85 21.57 -15.20
C ILE A 394 -8.37 21.85 -15.40
N ASP A 395 -8.04 23.03 -15.97
CA ASP A 395 -6.65 23.41 -16.18
C ASP A 395 -5.84 23.37 -14.89
N GLU A 396 -6.47 23.70 -13.77
CA GLU A 396 -5.76 23.67 -12.49
C GLU A 396 -5.20 22.27 -12.19
N SER A 397 -6.02 21.22 -12.40
CA SER A 397 -5.63 19.82 -12.18
C SER A 397 -4.73 19.31 -13.29
N VAL A 398 -5.05 19.64 -14.54
CA VAL A 398 -4.20 19.23 -15.66
C VAL A 398 -2.78 19.71 -15.44
N ARG A 399 -2.65 20.93 -14.92
CA ARG A 399 -1.33 21.48 -14.60
C ARG A 399 -0.57 20.58 -13.62
N ARG A 400 -1.25 20.11 -12.57
CA ARG A 400 -0.55 19.31 -11.57
C ARG A 400 -0.17 17.94 -12.13
N LEU A 401 -1.10 17.29 -12.82
CA LEU A 401 -0.86 15.97 -13.36
C LEU A 401 0.30 15.98 -14.37
N LEU A 402 0.33 17.01 -15.22
CA LEU A 402 1.35 17.11 -16.26
C LEU A 402 2.73 17.35 -15.66
N LEU A 403 2.77 18.20 -14.63
CA LEU A 403 4.02 18.48 -13.94
C LEU A 403 4.75 17.22 -13.54
N VAL A 404 4.04 16.29 -12.89
CA VAL A 404 4.69 15.07 -12.40
C VAL A 404 5.27 14.27 -13.56
N LYS A 405 4.49 14.09 -14.63
CA LYS A 405 4.99 13.38 -15.81
C LYS A 405 6.26 14.04 -16.36
N PHE A 406 6.27 15.39 -16.43
CA PHE A 406 7.45 16.10 -16.93
C PHE A 406 8.63 15.93 -15.97
N ARG A 407 8.38 16.12 -14.67
CA ARG A 407 9.43 16.00 -13.68
C ARG A 407 9.96 14.57 -13.57
N LEU A 408 9.12 13.56 -13.81
CA LEU A 408 9.64 12.20 -13.80
C LEU A 408 10.52 11.92 -15.02
N GLY A 409 10.54 12.82 -16.00
CA GLY A 409 11.26 12.59 -17.24
C GLY A 409 10.51 11.77 -18.26
N LEU A 410 9.19 11.55 -18.07
CA LEU A 410 8.45 10.61 -18.90
C LEU A 410 8.17 11.16 -20.29
N PHE A 411 8.06 12.48 -20.42
CA PHE A 411 7.87 13.05 -21.75
C PHE A 411 9.11 12.88 -22.62
N ASP A 412 10.28 12.75 -21.98
CA ASP A 412 11.54 12.65 -22.70
C ASP A 412 11.97 11.21 -22.95
N ASP A 413 11.73 10.31 -22.00
CA ASP A 413 12.16 8.92 -22.13
C ASP A 413 11.32 8.04 -21.23
N PRO A 414 10.20 7.53 -21.73
CA PRO A 414 9.38 6.59 -20.96
C PRO A 414 9.75 5.13 -21.15
N TYR A 415 10.83 4.83 -21.85
CA TYR A 415 11.16 3.47 -22.24
C TYR A 415 12.15 2.85 -21.27
N VAL A 416 12.11 1.52 -21.18
CA VAL A 416 12.91 0.78 -20.23
C VAL A 416 13.63 -0.35 -20.97
N ASP A 417 14.63 -0.88 -20.30
CA ASP A 417 15.49 -1.95 -20.82
C ASP A 417 14.97 -3.28 -20.27
N GLU A 418 14.42 -4.11 -21.15
CA GLU A 418 13.97 -5.46 -20.82
C GLU A 418 15.07 -6.30 -20.17
N ASP A 419 16.27 -6.23 -20.73
CA ASP A 419 17.36 -7.07 -20.24
C ASP A 419 17.87 -6.59 -18.90
N ALA A 420 18.06 -5.28 -18.75
CA ALA A 420 18.35 -4.74 -17.44
C ALA A 420 17.28 -5.12 -16.43
N ALA A 421 16.00 -5.10 -16.85
CA ALA A 421 14.90 -5.36 -15.93
C ALA A 421 14.98 -6.77 -15.34
N GLU A 422 15.26 -7.77 -16.19
CA GLU A 422 15.43 -9.13 -15.70
C GLU A 422 16.52 -9.25 -14.64
N ARG A 423 17.56 -8.39 -14.70
CA ARG A 423 18.66 -8.47 -13.75
C ARG A 423 18.47 -7.65 -12.49
N ILE A 424 17.71 -6.55 -12.56
CA ILE A 424 17.50 -5.69 -11.41
C ILE A 424 16.43 -6.26 -10.47
N VAL A 425 15.28 -6.63 -11.02
CA VAL A 425 14.14 -7.04 -10.22
C VAL A 425 14.41 -8.37 -9.55
N GLY A 426 14.25 -8.44 -8.23
CA GLY A 426 14.57 -9.66 -7.53
C GLY A 426 16.04 -10.01 -7.54
N ARG A 427 16.91 -9.03 -7.77
CA ARG A 427 18.35 -9.24 -7.66
C ARG A 427 18.73 -9.86 -6.32
N ALA A 428 19.75 -10.73 -6.34
CA ALA A 428 20.11 -11.50 -5.15
C ALA A 428 20.37 -10.62 -3.94
N ASP A 429 20.99 -9.44 -4.14
CA ASP A 429 21.28 -8.59 -2.99
C ASP A 429 20.02 -7.96 -2.43
N LEU A 430 19.06 -7.60 -3.30
CA LEU A 430 17.77 -7.10 -2.80
C LEU A 430 16.98 -8.21 -2.14
N ARG A 431 17.01 -9.42 -2.71
CA ARG A 431 16.37 -10.57 -2.07
C ARG A 431 16.97 -10.85 -0.69
N GLU A 432 18.27 -10.63 -0.52
CA GLU A 432 18.90 -10.88 0.78
C GLU A 432 18.52 -9.78 1.77
N LEU A 433 18.49 -8.53 1.33
CA LEU A 433 17.96 -7.46 2.18
C LEU A 433 16.56 -7.81 2.69
N GLY A 434 15.66 -8.14 1.77
CA GLY A 434 14.28 -8.41 2.15
C GLY A 434 14.17 -9.64 3.05
N PHE A 435 14.94 -10.68 2.75
CA PHE A 435 14.90 -11.87 3.59
C PHE A 435 15.41 -11.58 4.99
N ARG A 436 16.45 -10.75 5.10
CA ARG A 436 16.94 -10.37 6.43
C ARG A 436 15.89 -9.54 7.16
N ALA A 437 15.18 -8.65 6.45
CA ALA A 437 14.10 -7.89 7.07
C ALA A 437 13.03 -8.84 7.61
N GLN A 438 12.67 -9.85 6.82
CA GLN A 438 11.68 -10.83 7.23
C GLN A 438 12.09 -11.54 8.52
N ALA A 439 13.35 -11.94 8.61
CA ALA A 439 13.80 -12.73 9.75
C ALA A 439 14.02 -11.84 10.97
N ALA A 440 14.68 -10.69 10.79
CA ALA A 440 15.05 -9.84 11.91
C ALA A 440 13.87 -9.08 12.51
N SER A 441 12.81 -8.84 11.73
CA SER A 441 11.61 -8.19 12.26
C SER A 441 10.79 -9.13 13.13
N VAL A 442 11.06 -10.44 13.07
CA VAL A 442 10.38 -11.36 13.97
C VAL A 442 10.57 -10.87 15.39
N THR A 443 9.47 -10.82 16.15
CA THR A 443 9.43 -10.26 17.50
C THR A 443 9.11 -11.40 18.47
N VAL A 444 10.02 -11.66 19.41
CA VAL A 444 9.81 -12.73 20.40
C VAL A 444 9.12 -12.16 21.63
N LEU A 445 8.05 -12.83 22.07
CA LEU A 445 7.19 -12.33 23.15
C LEU A 445 7.39 -13.09 24.46
N GLU A 446 7.40 -14.43 24.40
CA GLU A 446 7.72 -15.28 25.53
C GLU A 446 8.76 -16.31 25.10
N ASN A 447 9.61 -16.69 26.04
CA ASN A 447 10.68 -17.61 25.70
C ASN A 447 11.00 -18.38 26.98
N ARG A 448 10.14 -19.37 27.29
CA ARG A 448 10.25 -20.07 28.55
C ARG A 448 11.52 -20.92 28.57
N GLU A 449 11.98 -21.24 29.78
CA GLU A 449 13.30 -21.86 29.98
C GLU A 449 13.13 -23.35 30.25
N ARG A 450 13.58 -24.16 29.31
CA ARG A 450 13.70 -25.62 29.48
C ARG A 450 14.98 -25.89 30.26
N ASP A 451 14.85 -26.42 31.48
CA ASP A 451 16.00 -27.01 32.19
C ASP A 451 17.22 -26.08 32.21
N GLY A 452 17.00 -24.77 32.21
CA GLY A 452 18.10 -23.82 32.12
C GLY A 452 18.39 -23.30 30.72
N ARG A 453 17.89 -23.98 29.67
CA ARG A 453 18.05 -23.43 28.32
C ARG A 453 16.75 -22.82 27.82
N PRO A 454 16.76 -21.58 27.33
CA PRO A 454 15.54 -21.03 26.73
C PRO A 454 15.11 -21.83 25.51
N THR A 455 13.81 -21.83 25.24
CA THR A 455 13.29 -22.54 24.06
C THR A 455 13.93 -22.04 22.78
N LEU A 456 14.10 -20.73 22.66
CA LEU A 456 14.72 -20.07 21.52
C LEU A 456 16.05 -19.46 21.92
N PRO A 457 17.11 -19.60 21.10
CA PRO A 457 17.04 -20.25 19.77
C PRO A 457 16.88 -21.78 19.79
N LEU A 458 16.14 -22.31 18.82
CA LEU A 458 16.08 -23.75 18.61
C LEU A 458 17.44 -24.30 18.18
N PRO A 459 17.77 -25.54 18.57
CA PRO A 459 19.11 -26.10 18.26
C PRO A 459 19.35 -26.31 16.77
N VAL A 460 20.28 -25.55 16.19
CA VAL A 460 20.75 -25.86 14.85
C VAL A 460 21.68 -27.07 14.88
N ASP A 461 22.63 -27.09 15.80
CA ASP A 461 23.50 -28.24 16.01
C ASP A 461 22.78 -29.36 16.74
N GLY A 462 23.20 -29.59 17.99
CA GLY A 462 22.54 -30.47 18.92
C GLY A 462 22.16 -31.82 18.32
N PRO A 463 20.92 -32.22 18.56
CA PRO A 463 20.44 -33.48 17.97
C PRO A 463 19.72 -33.23 16.66
N ARG A 464 19.59 -34.25 15.81
CA ARG A 464 18.64 -34.15 14.71
C ARG A 464 17.24 -34.22 15.31
N LEU A 465 16.52 -33.11 15.22
CA LEU A 465 15.21 -32.98 15.84
C LEU A 465 14.11 -33.44 14.89
N ARG A 466 13.07 -34.02 15.47
CA ARG A 466 11.82 -34.26 14.77
C ARG A 466 10.85 -33.16 15.17
N VAL A 467 10.31 -32.45 14.18
CA VAL A 467 9.53 -31.25 14.40
C VAL A 467 8.14 -31.45 13.79
N HIS A 468 7.12 -31.39 14.63
CA HIS A 468 5.76 -31.34 14.13
C HIS A 468 5.44 -29.90 13.73
N VAL A 469 4.98 -29.72 12.51
CA VAL A 469 4.73 -28.39 11.96
C VAL A 469 3.26 -28.25 11.59
N GLU A 470 2.69 -27.07 11.80
CA GLU A 470 1.36 -26.73 11.33
C GLU A 470 1.35 -25.27 10.89
N GLY A 471 0.65 -24.98 9.80
CA GLY A 471 0.66 -23.64 9.25
C GLY A 471 1.93 -23.29 8.50
N MET A 472 2.89 -24.19 8.47
CA MET A 472 4.16 -24.00 7.81
C MET A 472 4.43 -25.25 6.99
N ARG A 473 5.14 -25.09 5.87
CA ARG A 473 5.41 -26.23 5.00
C ARG A 473 6.44 -27.15 5.66
N PRO A 474 6.20 -28.46 5.71
CA PRO A 474 7.24 -29.37 6.25
C PRO A 474 8.52 -29.31 5.43
N GLU A 475 8.40 -29.08 4.12
CA GLU A 475 9.57 -28.96 3.24
C GLU A 475 10.53 -27.91 3.75
N ALA A 476 10.03 -26.93 4.49
CA ALA A 476 10.89 -25.87 5.03
C ALA A 476 11.86 -26.40 6.07
N LEU A 477 11.62 -27.58 6.65
CA LEU A 477 12.55 -28.21 7.57
C LEU A 477 13.74 -28.87 6.87
N ASP A 478 13.68 -29.03 5.54
CA ASP A 478 14.60 -29.95 4.86
C ASP A 478 16.06 -29.58 5.09
N GLY A 479 16.83 -30.57 5.50
CA GLY A 479 18.25 -30.38 5.77
C GLY A 479 18.55 -30.28 7.25
N TRP A 480 17.68 -29.58 7.97
CA TRP A 480 17.88 -29.24 9.37
C TRP A 480 17.17 -30.19 10.32
N ALA A 481 15.96 -30.63 9.99
CA ALA A 481 15.18 -31.48 10.88
C ALA A 481 14.28 -32.37 10.05
N ASP A 482 13.77 -33.42 10.70
CA ASP A 482 12.81 -34.39 10.17
C ASP A 482 11.38 -34.03 10.58
N PRO A 483 10.41 -34.11 9.66
CA PRO A 483 9.02 -33.85 10.06
C PRO A 483 8.50 -34.95 10.97
N ALA A 484 7.79 -34.56 12.00
CA ALA A 484 7.11 -35.52 12.84
C ALA A 484 5.73 -35.81 12.26
N ALA A 485 5.29 -37.05 12.39
CA ALA A 485 3.92 -37.38 12.00
C ALA A 485 2.91 -36.65 12.87
N GLY A 486 3.26 -36.37 14.12
CA GLY A 486 2.41 -35.61 15.00
C GLY A 486 3.15 -35.22 16.26
N PRO A 487 2.43 -34.66 17.23
CA PRO A 487 3.09 -34.24 18.47
C PRO A 487 3.73 -35.38 19.25
N ASP A 488 3.19 -36.60 19.15
CA ASP A 488 3.66 -37.69 19.99
C ASP A 488 5.07 -38.14 19.61
N ASP A 489 5.42 -38.09 18.32
CA ASP A 489 6.75 -38.45 17.87
C ASP A 489 7.62 -37.24 17.57
N ALA A 490 7.36 -36.13 18.24
CA ALA A 490 8.04 -34.88 17.96
C ALA A 490 8.86 -34.44 19.17
N ASP A 491 10.00 -33.81 18.90
CA ASP A 491 10.78 -33.14 19.94
C ASP A 491 10.23 -31.75 20.24
N LEU A 492 9.63 -31.10 19.25
CA LEU A 492 8.95 -29.85 19.47
C LEU A 492 7.95 -29.65 18.34
N ALA A 493 7.04 -28.69 18.54
CA ALA A 493 6.06 -28.32 17.54
C ALA A 493 6.21 -26.84 17.18
N ILE A 494 6.17 -26.54 15.90
CA ILE A 494 6.16 -25.16 15.40
C ILE A 494 4.82 -24.95 14.70
N VAL A 495 3.99 -24.06 15.24
CA VAL A 495 2.67 -23.76 14.69
C VAL A 495 2.66 -22.29 14.29
N ARG A 496 2.47 -22.02 13.00
CA ARG A 496 2.19 -20.67 12.53
C ARG A 496 0.68 -20.48 12.45
N LEU A 497 0.21 -19.32 12.93
CA LEU A 497 -1.21 -18.95 12.93
C LEU A 497 -1.34 -17.53 12.42
N GLY A 498 -2.41 -17.26 11.69
CA GLY A 498 -2.80 -15.89 11.47
C GLY A 498 -3.49 -15.35 12.71
N ALA A 499 -3.41 -14.04 12.90
CA ALA A 499 -4.27 -13.40 13.88
C ALA A 499 -5.74 -13.73 13.57
N PRO A 500 -6.55 -14.04 14.58
CA PRO A 500 -7.95 -14.39 14.33
C PRO A 500 -8.74 -13.19 13.84
N PHE A 501 -9.94 -13.49 13.33
CA PHE A 501 -10.86 -12.47 12.83
C PHE A 501 -12.22 -13.11 12.68
N GLU A 502 -13.25 -12.27 12.48
CA GLU A 502 -14.60 -12.76 12.22
C GLU A 502 -14.74 -13.08 10.74
N PRO A 503 -14.87 -14.36 10.38
CA PRO A 503 -14.98 -14.72 8.96
C PRO A 503 -16.30 -14.19 8.40
N ARG A 504 -16.22 -13.37 7.37
CA ARG A 504 -17.41 -12.78 6.77
C ARG A 504 -17.36 -12.96 5.26
N SER A 505 -18.54 -13.11 4.68
CA SER A 505 -18.68 -13.24 3.24
C SER A 505 -20.06 -12.79 2.77
N ASP A 506 -20.74 -11.91 3.52
CA ASP A 506 -22.04 -11.40 3.06
C ASP A 506 -21.86 -10.44 1.90
N LEU A 507 -20.79 -9.66 1.90
CA LEU A 507 -20.58 -8.70 0.84
C LEU A 507 -19.33 -9.06 0.05
N PHE A 508 -19.19 -8.47 -1.12
CA PHE A 508 -17.94 -8.59 -1.86
C PHE A 508 -16.78 -8.07 -1.01
N LEU A 509 -15.61 -8.72 -1.19
CA LEU A 509 -14.34 -8.39 -0.51
C LEU A 509 -14.28 -8.79 0.96
N GLU A 510 -15.43 -8.91 1.62
CA GLU A 510 -15.43 -9.26 3.04
C GLU A 510 -14.56 -10.48 3.33
N ALA A 511 -14.53 -11.44 2.41
CA ALA A 511 -13.71 -12.64 2.58
C ALA A 511 -12.22 -12.34 2.49
N TRP A 512 -11.85 -11.16 1.98
CA TRP A 512 -10.48 -10.75 1.78
C TRP A 512 -9.98 -9.82 2.88
N PHE A 513 -10.80 -9.50 3.87
CA PHE A 513 -10.42 -8.64 4.99
C PHE A 513 -10.47 -9.43 6.28
N HIS A 514 -9.68 -9.00 7.26
CA HIS A 514 -9.66 -9.62 8.58
C HIS A 514 -10.21 -8.58 9.55
N GLN A 515 -11.46 -8.75 9.99
CA GLN A 515 -12.10 -7.72 10.77
C GLN A 515 -12.74 -8.31 12.02
N GLY A 516 -13.11 -7.42 12.94
CA GLY A 516 -13.85 -7.85 14.11
C GLY A 516 -12.95 -8.31 15.25
N SER A 517 -13.48 -9.25 16.03
CA SER A 517 -12.82 -9.74 17.24
C SER A 517 -11.40 -10.23 16.95
N LEU A 518 -10.52 -9.99 17.93
CA LEU A 518 -9.13 -10.42 17.90
C LEU A 518 -8.89 -11.68 18.71
N GLU A 519 -9.94 -12.37 19.12
CA GLU A 519 -9.80 -13.50 20.04
C GLU A 519 -9.70 -14.82 19.28
N PHE A 520 -8.86 -15.73 19.80
CA PHE A 520 -8.75 -17.03 19.15
C PHE A 520 -9.97 -17.87 19.48
N PRO A 521 -10.44 -18.68 18.53
CA PRO A 521 -11.49 -19.64 18.84
C PRO A 521 -11.07 -20.56 19.96
N PRO A 522 -11.97 -20.89 20.90
CA PRO A 522 -11.54 -21.65 22.07
C PRO A 522 -11.11 -23.07 21.75
N GLY A 523 -11.65 -23.68 20.70
CA GLY A 523 -11.22 -25.01 20.32
C GLY A 523 -9.84 -25.01 19.69
N LEU A 524 -9.49 -23.94 18.96
CA LEU A 524 -8.14 -23.81 18.45
C LEU A 524 -7.14 -23.68 19.59
N VAL A 525 -7.48 -22.87 20.61
CA VAL A 525 -6.63 -22.74 21.79
C VAL A 525 -6.46 -24.09 22.47
N HIS A 526 -7.55 -24.86 22.59
CA HIS A 526 -7.46 -26.15 23.27
C HIS A 526 -6.59 -27.12 22.49
N ARG A 527 -6.67 -27.10 21.15
CA ARG A 527 -5.86 -28.03 20.34
C ARG A 527 -4.38 -27.73 20.51
N LEU A 528 -4.00 -26.45 20.50
CA LEU A 528 -2.62 -26.08 20.78
C LEU A 528 -2.21 -26.54 22.18
N ARG A 529 -3.09 -26.36 23.17
CA ARG A 529 -2.79 -26.85 24.50
C ARG A 529 -2.60 -28.37 24.51
N ARG A 530 -3.37 -29.11 23.71
CA ARG A 530 -3.16 -30.55 23.62
C ARG A 530 -1.79 -30.85 23.01
N ILE A 531 -1.36 -30.05 22.04
CA ILE A 531 -0.02 -30.23 21.49
C ILE A 531 1.03 -30.00 22.56
N ALA A 532 0.90 -28.89 23.30
CA ALA A 532 1.88 -28.54 24.30
C ALA A 532 1.96 -29.58 25.41
N ASP A 533 0.87 -30.31 25.66
CA ASP A 533 0.93 -31.39 26.65
C ASP A 533 1.86 -32.52 26.23
N ARG A 534 2.17 -32.64 24.94
CA ARG A 534 3.01 -33.73 24.47
C ARG A 534 4.42 -33.32 24.09
N CYS A 535 4.63 -32.07 23.68
CA CYS A 535 5.94 -31.63 23.24
C CYS A 535 6.00 -30.13 23.37
N PRO A 536 7.19 -29.56 23.50
CA PRO A 536 7.32 -28.10 23.57
C PRO A 536 6.71 -27.46 22.32
N LEU A 537 5.93 -26.40 22.55
CA LEU A 537 5.16 -25.77 21.48
C LEU A 537 5.68 -24.36 21.25
N VAL A 538 6.09 -24.09 20.01
CA VAL A 538 6.47 -22.75 19.57
C VAL A 538 5.37 -22.24 18.66
N VAL A 539 4.69 -21.16 19.06
CA VAL A 539 3.65 -20.54 18.25
C VAL A 539 4.21 -19.25 17.66
N VAL A 540 4.06 -19.11 16.34
CA VAL A 540 4.39 -17.88 15.64
C VAL A 540 3.10 -17.35 15.01
N VAL A 541 2.67 -16.18 15.43
CA VAL A 541 1.43 -15.59 14.94
C VAL A 541 1.79 -14.52 13.92
N ASN A 542 1.17 -14.60 12.73
CA ASN A 542 1.25 -13.54 11.73
C ASN A 542 0.39 -12.37 12.20
N LEU A 543 1.04 -11.33 12.71
CA LEU A 543 0.33 -10.23 13.35
C LEU A 543 -0.15 -9.22 12.32
N ASP A 544 -1.08 -9.65 11.44
CA ASP A 544 -1.74 -8.64 10.63
C ASP A 544 -2.64 -7.75 11.48
N ARG A 545 -3.04 -8.24 12.64
CA ARG A 545 -3.72 -7.45 13.66
C ARG A 545 -3.29 -8.01 14.99
N PRO A 546 -3.39 -7.23 16.07
CA PRO A 546 -2.85 -7.73 17.35
C PRO A 546 -3.74 -8.76 18.01
N ALA A 547 -3.59 -10.01 17.59
CA ALA A 547 -4.28 -11.14 18.21
C ALA A 547 -4.17 -11.11 19.73
N ILE A 548 -5.30 -11.39 20.40
CA ILE A 548 -5.30 -11.56 21.86
C ILE A 548 -4.48 -12.80 22.24
N MET A 549 -3.19 -12.59 22.55
CA MET A 549 -2.27 -13.70 22.82
C MET A 549 -2.51 -14.39 24.16
N THR A 550 -3.24 -13.74 25.07
CA THR A 550 -3.40 -14.17 26.47
C THR A 550 -3.66 -15.65 26.71
N PRO A 551 -4.62 -16.31 26.04
CA PRO A 551 -4.86 -17.74 26.36
C PRO A 551 -3.71 -18.65 25.99
N LEU A 552 -2.78 -18.18 25.15
CA LEU A 552 -1.63 -18.99 24.75
C LEU A 552 -0.51 -18.91 25.77
N VAL A 553 -0.47 -17.82 26.54
CA VAL A 553 0.67 -17.51 27.39
C VAL A 553 0.94 -18.58 28.46
N PRO A 554 -0.06 -19.33 28.98
CA PRO A 554 0.27 -20.33 30.00
C PRO A 554 0.88 -21.63 29.49
N PHE A 555 0.87 -21.93 28.21
CA PHE A 555 1.41 -23.22 27.81
C PHE A 555 2.39 -23.22 26.64
N ALA A 556 2.63 -22.11 25.95
CA ALA A 556 3.61 -22.10 24.88
C ALA A 556 5.02 -22.07 25.48
N ALA A 557 5.91 -22.90 24.90
CA ALA A 557 7.32 -22.83 25.27
C ALA A 557 7.96 -21.56 24.76
N ALA A 558 7.48 -21.06 23.61
CA ALA A 558 7.90 -19.78 23.07
C ALA A 558 6.76 -19.19 22.26
N LEU A 559 6.70 -17.85 22.27
CA LEU A 559 5.67 -17.09 21.60
C LEU A 559 6.34 -15.98 20.80
N ALA A 560 6.09 -15.93 19.51
CA ALA A 560 6.67 -14.89 18.66
C ALA A 560 5.65 -14.46 17.63
N VAL A 561 5.90 -13.29 17.03
CA VAL A 561 5.07 -12.82 15.93
C VAL A 561 5.98 -12.45 14.77
N ASP A 562 5.44 -12.67 13.56
CA ASP A 562 6.02 -12.18 12.32
C ASP A 562 5.01 -11.25 11.67
N TYR A 563 5.50 -10.44 10.75
CA TYR A 563 4.64 -9.48 10.06
C TYR A 563 4.63 -9.82 8.58
N GLY A 564 4.44 -11.10 8.27
CA GLY A 564 4.39 -11.55 6.90
C GLY A 564 5.71 -12.13 6.42
N SER A 565 6.23 -13.11 7.15
CA SER A 565 7.53 -13.69 6.84
C SER A 565 7.37 -15.10 6.29
N SER A 566 8.27 -15.46 5.37
CA SER A 566 8.25 -16.81 4.82
C SER A 566 8.58 -17.82 5.92
N ASP A 567 8.22 -19.08 5.66
CA ASP A 567 8.58 -20.16 6.58
C ASP A 567 10.08 -20.18 6.83
N ALA A 568 10.87 -19.97 5.77
CA ALA A 568 12.32 -20.06 5.91
C ALA A 568 12.86 -18.91 6.75
N ALA A 569 12.32 -17.69 6.56
CA ALA A 569 12.80 -16.57 7.34
C ALA A 569 12.39 -16.73 8.80
N VAL A 570 11.19 -17.23 9.05
CA VAL A 570 10.77 -17.54 10.42
C VAL A 570 11.72 -18.55 11.05
N LEU A 571 12.07 -19.61 10.32
CA LEU A 571 13.01 -20.60 10.84
C LEU A 571 14.40 -19.99 11.06
N ALA A 572 14.81 -19.06 10.18
CA ALA A 572 16.10 -18.39 10.37
C ALA A 572 16.12 -17.61 11.68
N ALA A 573 14.98 -17.00 12.03
CA ALA A 573 14.87 -16.25 13.29
C ALA A 573 14.79 -17.17 14.49
N LEU A 574 13.99 -18.24 14.40
CA LEU A 574 13.80 -19.14 15.53
C LEU A 574 15.07 -19.92 15.88
N THR A 575 15.93 -20.19 14.90
CA THR A 575 17.23 -20.81 15.18
C THR A 575 18.31 -19.78 15.50
N GLY A 576 17.98 -18.50 15.52
CA GLY A 576 19.02 -17.51 15.74
C GLY A 576 20.00 -17.35 14.61
N ARG A 577 19.79 -18.01 13.46
CA ARG A 577 20.64 -17.79 12.30
C ARG A 577 20.65 -16.31 11.91
N ILE A 578 19.47 -15.70 11.80
CA ILE A 578 19.33 -14.26 11.76
C ILE A 578 18.55 -13.88 13.02
N ALA A 579 19.20 -13.19 13.95
CA ALA A 579 18.59 -12.94 15.26
C ALA A 579 17.30 -12.14 15.13
N PRO A 580 16.22 -12.54 15.81
CA PRO A 580 15.02 -11.70 15.84
C PRO A 580 15.31 -10.44 16.63
N GLU A 581 15.18 -9.30 15.97
CA GLU A 581 15.40 -8.02 16.62
C GLU A 581 14.12 -7.22 16.78
N GLY A 582 12.97 -7.78 16.41
CA GLY A 582 11.75 -7.00 16.39
C GLY A 582 11.32 -6.62 17.80
N ARG A 583 10.78 -5.41 17.93
CA ARG A 583 10.03 -5.01 19.10
C ARG A 583 8.64 -4.56 18.65
N LEU A 584 7.62 -4.86 19.45
CA LEU A 584 6.23 -4.60 19.07
C LEU A 584 6.05 -3.12 18.71
N PRO A 585 5.63 -2.81 17.48
CA PRO A 585 5.29 -1.43 17.11
C PRO A 585 3.87 -1.04 17.46
N VAL A 586 3.05 -2.00 17.88
CA VAL A 586 1.74 -1.78 18.48
C VAL A 586 1.63 -2.74 19.65
N GLU A 587 0.87 -2.35 20.68
CA GLU A 587 0.68 -3.21 21.84
C GLU A 587 -0.23 -4.39 21.48
N ILE A 588 -0.13 -5.45 22.28
CA ILE A 588 -1.05 -6.59 22.17
C ILE A 588 -2.04 -6.48 23.33
N PRO A 589 -3.30 -6.14 23.08
CA PRO A 589 -4.24 -6.00 24.20
C PRO A 589 -4.45 -7.34 24.90
N ARG A 590 -4.79 -7.26 26.19
CA ARG A 590 -4.98 -8.41 27.04
C ARG A 590 -6.31 -9.12 26.81
N SER A 591 -7.32 -8.38 26.36
CA SER A 591 -8.65 -8.93 26.16
C SER A 591 -9.43 -8.03 25.21
N MET A 592 -10.46 -8.61 24.59
CA MET A 592 -11.37 -7.81 23.76
C MET A 592 -12.17 -6.81 24.60
N ASP A 593 -12.42 -7.13 25.87
CA ASP A 593 -13.01 -6.14 26.76
C ASP A 593 -12.15 -4.88 26.83
N ALA A 594 -10.84 -5.05 26.96
CA ALA A 594 -9.94 -3.91 27.01
C ALA A 594 -9.91 -3.17 25.68
N VAL A 595 -10.10 -3.88 24.57
CA VAL A 595 -10.15 -3.22 23.27
C VAL A 595 -11.39 -2.33 23.18
N ARG A 596 -12.58 -2.89 23.46
CA ARG A 596 -13.81 -2.14 23.32
C ARG A 596 -13.86 -0.94 24.25
N ALA A 597 -13.12 -0.97 25.36
CA ALA A 597 -13.10 0.17 26.27
C ALA A 597 -12.13 1.26 25.84
N SER A 598 -11.36 1.06 24.77
CA SER A 598 -10.32 2.01 24.43
C SER A 598 -10.81 2.94 23.32
N ARG A 599 -10.05 4.00 23.09
CA ARG A 599 -10.42 5.02 22.11
C ARG A 599 -9.73 4.73 20.79
N THR A 600 -10.53 4.68 19.70
CA THR A 600 -9.97 4.15 18.47
C THR A 600 -8.93 5.06 17.86
N ASP A 601 -8.87 6.33 18.25
CA ASP A 601 -7.90 7.22 17.65
C ASP A 601 -6.64 7.40 18.51
N VAL A 602 -6.61 6.83 19.70
CA VAL A 602 -5.48 6.97 20.63
C VAL A 602 -4.59 5.73 20.51
N PRO A 603 -3.27 5.89 20.34
CA PRO A 603 -2.41 4.72 20.16
C PRO A 603 -2.27 3.89 21.43
N SER A 604 -2.35 2.58 21.25
CA SER A 604 -2.10 1.57 22.29
C SER A 604 -2.62 2.03 23.65
N ASP A 605 -3.92 2.34 23.70
CA ASP A 605 -4.47 2.85 24.95
C ASP A 605 -5.41 1.86 25.63
N THR A 606 -5.23 0.56 25.37
CA THR A 606 -5.92 -0.42 26.19
C THR A 606 -5.16 -0.61 27.49
N GLU A 607 -5.88 -0.97 28.53
CA GLU A 607 -5.26 -1.09 29.84
C GLU A 607 -4.69 -2.48 30.04
N ASP A 608 -3.50 -2.53 30.61
CA ASP A 608 -2.85 -3.79 30.97
C ASP A 608 -2.66 -4.72 29.77
N PRO A 609 -2.07 -4.25 28.67
CA PRO A 609 -1.88 -5.14 27.51
C PRO A 609 -0.97 -6.30 27.86
N VAL A 610 -1.30 -7.48 27.31
CA VAL A 610 -0.55 -8.68 27.66
C VAL A 610 0.89 -8.57 27.16
N TYR A 611 1.13 -7.83 26.08
CA TYR A 611 2.48 -7.46 25.68
C TYR A 611 2.42 -5.98 25.30
N PRO A 612 3.13 -5.11 26.02
CA PRO A 612 3.00 -3.68 25.78
C PRO A 612 3.77 -3.28 24.54
N LEU A 613 3.46 -2.07 24.06
CA LEU A 613 4.27 -1.44 23.03
C LEU A 613 5.76 -1.52 23.37
N HIS A 614 6.58 -1.76 22.33
CA HIS A 614 8.04 -1.91 22.37
C HIS A 614 8.54 -3.22 22.97
N HIS A 615 7.68 -4.15 23.38
CA HIS A 615 8.16 -5.39 23.96
C HIS A 615 8.78 -6.29 22.90
N GLY A 616 9.95 -6.84 23.21
CA GLY A 616 10.64 -7.82 22.39
C GLY A 616 11.76 -8.45 23.19
N LEU A 617 11.98 -9.75 23.05
CA LEU A 617 13.06 -10.45 23.75
C LEU A 617 14.18 -10.81 22.78
N ARG A 618 15.43 -10.55 23.19
CA ARG A 618 16.59 -11.07 22.50
C ARG A 618 16.81 -12.55 22.82
N ILE A 619 17.24 -13.32 21.82
CA ILE A 619 17.57 -14.73 22.01
C ILE A 619 19.06 -14.93 21.74
N ARG A 620 19.60 -16.07 22.18
CA ARG A 620 21.08 -16.26 22.14
C ARG A 620 21.54 -17.71 21.89
#